data_2O92
#
_entry.id   2O92
#
_cell.length_a   62.638
_cell.length_b   66.238
_cell.length_c   107.158
_cell.angle_alpha   90.00
_cell.angle_beta   90.00
_cell.angle_gamma   90.00
#
_symmetry.space_group_name_H-M   'P 21 21 21'
#
loop_
_entity.id
_entity.type
_entity.pdbx_description
1 polymer 'Chitinase-3-like protein 1'
2 branched 2-acetamido-2-deoxy-beta-D-glucopyranose-(1-4)-2-acetamido-2-deoxy-beta-D-glucopyranose-(1-4)-2-acetamido-2-deoxy-beta-D-glucopyranose-(1-4)-2-acetamido-2-deoxy-beta-D-glucopyranose
3 branched alpha-D-mannopyranose-(1-4)-2-acetamido-2-deoxy-beta-D-glucopyranose-(1-4)-2-acetamido-2-deoxy-beta-D-glucopyranose
4 water water
#
_entity_poly.entity_id   1
_entity_poly.type   'polypeptide(L)'
_entity_poly.pdbx_seq_one_letter_code
;YKLICYYTSWSQYREGDGSCFPDAIDPFLCTHVIYSFANISNNEIDTWEWNDVTLYDTLNTLKNRNPKLKTLLSVGGWNF
GPERFSKIASKTQSRRTFIKSVPPFLRTHGFDGLDLAWLYPGRRDKRHLTALVKEMKAEFAREAQAGTERLLLSAAVSAG
KIAIDRGYDIAQISRHLDFISLLTYDFHGAWRQTVGHHSPLFRGNSDASSRFSNADYAVSYMLRLGAPANKLVMGIPTFG
RSFTLASSKTDVGAPISGPGIPGRFTKEKGILAYYEICDFLHGATTHRFRDQQVPYATKGNQWVAYDDQESVKNKARYLK
NRQLAGAMVWALDLDDFRGTFCGQNLTFPLTSAVKDVLARV
;
_entity_poly.pdbx_strand_id   A
#
loop_
_chem_comp.id
_chem_comp.type
_chem_comp.name
_chem_comp.formula
MAN D-saccharide, alpha linking alpha-D-mannopyranose 'C6 H12 O6'
NAG D-saccharide, beta linking 2-acetamido-2-deoxy-beta-D-glucopyranose 'C8 H15 N O6'
#
# COMPACT_ATOMS: atom_id res chain seq x y z
N TYR A 1 14.08 4.93 -10.64
CA TYR A 1 13.10 4.09 -9.90
C TYR A 1 11.89 4.94 -9.57
N LYS A 2 10.75 4.26 -9.37
CA LYS A 2 9.51 4.90 -9.02
C LYS A 2 9.35 4.75 -7.53
N LEU A 3 8.78 5.75 -6.88
CA LEU A 3 8.47 5.68 -5.47
C LEU A 3 6.99 6.02 -5.33
N ILE A 4 6.13 5.00 -5.32
CA ILE A 4 4.70 5.26 -5.27
C ILE A 4 4.23 5.32 -3.84
N CYS A 5 3.57 6.43 -3.46
CA CYS A 5 3.16 6.63 -2.09
C CYS A 5 1.67 6.91 -2.03
N TYR A 6 0.99 6.22 -1.14
CA TYR A 6 -0.44 6.44 -0.88
C TYR A 6 -0.71 7.57 0.15
N TYR A 7 -1.64 8.47 -0.15
CA TYR A 7 -2.18 9.37 0.86
C TYR A 7 -3.61 8.91 1.14
N THR A 8 -3.98 8.71 2.41
CA THR A 8 -5.36 8.27 2.76
C THR A 8 -6.28 9.39 3.24
N SER A 9 -7.52 9.37 2.75
CA SER A 9 -8.53 10.37 3.06
C SER A 9 -8.90 10.55 4.51
N TRP A 10 -9.16 9.47 5.22
CA TRP A 10 -9.66 9.61 6.57
C TRP A 10 -8.59 10.09 7.55
N SER A 11 -7.43 10.52 7.04
CA SER A 11 -6.36 10.88 7.95
C SER A 11 -6.39 12.34 8.31
N GLN A 12 -7.30 13.08 7.68
CA GLN A 12 -7.52 14.47 8.04
C GLN A 12 -8.21 14.54 9.40
N TYR A 13 -9.01 13.53 9.73
CA TYR A 13 -9.87 13.54 10.93
C TYR A 13 -9.13 13.16 12.21
N ARG A 14 -7.93 12.61 12.06
CA ARG A 14 -7.12 12.25 13.21
C ARG A 14 -6.99 13.49 14.10
N GLU A 15 -7.15 13.32 15.40
CA GLU A 15 -7.03 14.47 16.30
C GLU A 15 -5.57 14.92 16.50
N GLY A 16 -5.37 16.21 16.74
CA GLY A 16 -4.04 16.74 16.99
C GLY A 16 -3.04 16.75 15.85
N ASP A 17 -1.78 16.51 16.21
CA ASP A 17 -0.64 16.34 15.29
C ASP A 17 -0.86 15.21 14.31
N GLY A 18 -1.59 14.20 14.74
CA GLY A 18 -1.89 13.09 13.88
C GLY A 18 -2.70 13.38 12.64
N SER A 19 -3.24 14.59 12.54
CA SER A 19 -4.11 15.05 11.43
C SER A 19 -3.23 15.43 10.25
N CYS A 20 -3.61 15.04 9.03
CA CYS A 20 -2.75 15.25 7.89
C CYS A 20 -3.50 15.54 6.61
N PHE A 21 -3.32 16.72 6.04
CA PHE A 21 -3.90 17.09 4.75
C PHE A 21 -2.83 17.05 3.64
N PRO A 22 -3.21 16.92 2.37
CA PRO A 22 -2.26 16.78 1.24
C PRO A 22 -1.10 17.72 1.39
N ASP A 23 -1.47 18.87 1.91
CA ASP A 23 -0.61 19.92 2.43
C ASP A 23 0.77 19.52 3.00
N ALA A 24 0.84 18.35 3.62
CA ALA A 24 2.02 17.93 4.32
C ALA A 24 3.09 17.26 3.44
N ILE A 25 2.72 16.92 2.21
CA ILE A 25 3.55 16.12 1.33
C ILE A 25 4.70 16.90 0.74
N ASP A 26 5.90 16.36 0.82
CA ASP A 26 7.03 16.92 0.16
C ASP A 26 6.79 16.60 -1.29
N PRO A 27 6.67 17.60 -2.13
CA PRO A 27 6.39 17.40 -3.54
C PRO A 27 7.55 16.70 -4.18
N PHE A 28 8.72 16.80 -3.58
CA PHE A 28 9.90 16.17 -4.14
C PHE A 28 10.21 14.79 -3.59
N LEU A 29 9.43 14.36 -2.59
CA LEU A 29 9.63 13.06 -1.96
C LEU A 29 9.34 11.89 -2.90
N CYS A 30 8.07 11.63 -3.17
CA CYS A 30 7.74 10.51 -4.03
C CYS A 30 7.79 10.86 -5.52
N THR A 31 7.54 9.89 -6.39
CA THR A 31 7.40 10.16 -7.83
C THR A 31 5.94 10.10 -8.26
N HIS A 32 5.14 9.28 -7.57
CA HIS A 32 3.70 9.18 -7.81
C HIS A 32 3.04 9.17 -6.44
N VAL A 33 2.03 10.02 -6.26
CA VAL A 33 1.25 10.00 -5.04
C VAL A 33 -0.11 9.53 -5.43
N ILE A 34 -0.58 8.51 -4.74
CA ILE A 34 -1.89 7.97 -5.03
C ILE A 34 -2.86 8.39 -3.92
N TYR A 35 -3.90 9.13 -4.26
CA TYR A 35 -4.89 9.58 -3.27
C TYR A 35 -5.80 8.46 -2.94
N SER A 36 -6.01 8.23 -1.67
CA SER A 36 -6.72 7.02 -1.32
C SER A 36 -8.17 6.93 -0.89
N PHE A 37 -8.84 6.33 -1.86
CA PHE A 37 -10.18 5.81 -1.97
C PHE A 37 -11.26 6.69 -2.49
N ALA A 38 -11.52 6.42 -3.76
CA ALA A 38 -12.66 6.94 -4.49
C ALA A 38 -13.70 5.83 -4.37
N ASN A 39 -14.95 6.26 -4.35
CA ASN A 39 -16.09 5.35 -4.35
C ASN A 39 -16.47 5.07 -5.78
N ILE A 40 -17.34 4.09 -5.95
CA ILE A 40 -18.06 3.86 -7.19
C ILE A 40 -19.55 4.00 -6.81
N SER A 41 -20.33 4.78 -7.56
CA SER A 41 -21.80 4.84 -7.30
C SER A 41 -22.61 5.13 -8.55
N ASN A 42 -23.64 4.33 -8.76
CA ASN A 42 -24.36 4.32 -10.03
C ASN A 42 -23.48 3.83 -11.15
N ASN A 43 -22.71 2.79 -10.82
CA ASN A 43 -21.76 2.16 -11.73
C ASN A 43 -20.76 3.15 -12.32
N GLU A 44 -20.55 4.25 -11.60
CA GLU A 44 -19.80 5.42 -12.05
C GLU A 44 -18.84 5.98 -10.94
N ILE A 45 -17.56 6.24 -11.25
CA ILE A 45 -16.62 6.68 -10.19
C ILE A 45 -17.12 7.93 -9.55
N ASP A 46 -16.80 8.15 -8.28
CA ASP A 46 -17.36 9.30 -7.56
C ASP A 46 -16.61 9.60 -6.28
N THR A 47 -16.80 10.77 -5.70
CA THR A 47 -16.04 11.15 -4.53
C THR A 47 -16.39 10.27 -3.35
N TRP A 48 -15.70 10.41 -2.22
CA TRP A 48 -16.01 9.59 -1.04
C TRP A 48 -16.33 10.42 0.24
N GLU A 49 -15.47 11.39 0.54
CA GLU A 49 -15.70 12.29 1.66
C GLU A 49 -16.34 13.56 1.11
N TRP A 50 -16.81 14.42 2.03
CA TRP A 50 -17.50 15.65 1.67
C TRP A 50 -16.56 16.65 0.98
N ASN A 51 -15.35 16.74 1.51
CA ASN A 51 -14.38 17.69 0.97
C ASN A 51 -13.40 17.11 -0.04
N ASP A 52 -13.67 15.95 -0.62
CA ASP A 52 -12.72 15.40 -1.60
C ASP A 52 -12.38 16.35 -2.77
N VAL A 53 -13.36 17.06 -3.34
CA VAL A 53 -12.97 17.96 -4.43
C VAL A 53 -12.00 19.03 -3.92
N THR A 54 -12.03 19.36 -2.62
CA THR A 54 -11.03 20.30 -2.08
C THR A 54 -9.60 19.69 -1.95
N LEU A 55 -9.49 18.50 -1.36
CA LEU A 55 -8.18 17.90 -1.08
C LEU A 55 -7.47 17.50 -2.37
N TYR A 56 -8.27 16.98 -3.31
CA TYR A 56 -7.79 16.62 -4.64
C TYR A 56 -6.90 17.75 -5.18
N ASP A 57 -7.53 18.92 -5.25
CA ASP A 57 -6.97 20.19 -5.71
C ASP A 57 -5.71 20.50 -4.92
N THR A 58 -5.79 20.30 -3.59
CA THR A 58 -4.68 20.54 -2.67
C THR A 58 -3.50 19.66 -3.00
N LEU A 59 -3.83 18.40 -3.27
CA LEU A 59 -2.84 17.40 -3.68
C LEU A 59 -2.31 17.73 -5.06
N ASN A 60 -3.19 17.99 -5.99
CA ASN A 60 -2.74 18.28 -7.35
C ASN A 60 -2.02 19.60 -7.52
N THR A 61 -2.04 20.43 -6.49
CA THR A 61 -1.22 21.63 -6.59
C THR A 61 0.24 21.36 -6.28
N LEU A 62 0.56 20.21 -5.67
CA LEU A 62 1.96 19.91 -5.42
C LEU A 62 2.64 19.87 -6.79
N LYS A 63 1.89 19.47 -7.79
CA LYS A 63 2.43 19.45 -9.14
C LYS A 63 2.85 20.85 -9.66
N ASN A 64 2.54 21.90 -8.89
CA ASN A 64 3.01 23.28 -9.20
C ASN A 64 4.43 23.56 -8.76
N ARG A 65 4.87 22.86 -7.72
CA ARG A 65 6.21 23.03 -7.21
C ARG A 65 7.11 22.00 -7.85
N ASN A 66 6.51 20.92 -8.34
CA ASN A 66 7.29 19.90 -9.00
C ASN A 66 6.58 19.39 -10.23
N PRO A 67 7.08 19.77 -11.40
CA PRO A 67 6.38 19.49 -12.65
C PRO A 67 6.35 17.98 -12.95
N LYS A 68 7.36 17.26 -12.48
CA LYS A 68 7.42 15.82 -12.72
C LYS A 68 6.49 14.92 -11.86
N LEU A 69 5.92 15.43 -10.77
CA LEU A 69 5.03 14.58 -9.96
C LEU A 69 3.83 14.14 -10.78
N LYS A 70 3.44 12.88 -10.62
CA LYS A 70 2.20 12.43 -11.19
C LYS A 70 1.37 11.99 -10.00
N THR A 71 0.06 12.16 -10.08
CA THR A 71 -0.81 11.72 -9.00
C THR A 71 -1.83 10.75 -9.58
N LEU A 72 -2.41 9.93 -8.72
CA LEU A 72 -3.38 8.96 -9.20
C LEU A 72 -4.50 8.82 -8.17
N LEU A 73 -5.67 8.31 -8.57
CA LEU A 73 -6.79 8.14 -7.65
C LEU A 73 -7.03 6.65 -7.54
N SER A 74 -7.29 6.15 -6.34
CA SER A 74 -7.49 4.71 -6.17
C SER A 74 -8.98 4.37 -5.93
N VAL A 75 -9.53 3.40 -6.70
CA VAL A 75 -10.92 2.93 -6.52
C VAL A 75 -10.94 1.65 -5.66
N GLY A 76 -11.88 1.56 -4.74
CA GLY A 76 -11.94 0.38 -3.92
C GLY A 76 -11.41 0.61 -2.53
N GLY A 77 -10.40 -0.17 -2.16
CA GLY A 77 -9.88 -0.14 -0.80
C GLY A 77 -10.63 -1.11 0.11
N TRP A 78 -10.36 -1.05 1.42
CA TRP A 78 -10.93 -1.97 2.41
C TRP A 78 -12.38 -1.68 2.88
N ASN A 79 -12.86 -0.44 2.85
CA ASN A 79 -14.27 -0.20 3.24
C ASN A 79 -15.18 -0.22 2.04
N PHE A 80 -14.67 -0.74 0.94
CA PHE A 80 -15.42 -0.83 -0.30
C PHE A 80 -15.52 -2.34 -0.51
N GLY A 81 -16.65 -2.93 -0.17
CA GLY A 81 -16.80 -4.37 -0.30
C GLY A 81 -16.40 -4.91 -1.66
N PRO A 82 -15.65 -6.02 -1.72
CA PRO A 82 -15.18 -6.57 -3.00
C PRO A 82 -16.34 -7.06 -3.84
N GLU A 83 -17.33 -7.57 -3.12
CA GLU A 83 -18.51 -8.12 -3.74
C GLU A 83 -19.24 -7.03 -4.55
N ARG A 84 -19.09 -5.76 -4.15
CA ARG A 84 -19.56 -4.65 -4.97
C ARG A 84 -18.76 -4.70 -6.25
N PHE A 85 -17.44 -4.45 -6.19
CA PHE A 85 -16.59 -4.53 -7.38
C PHE A 85 -16.99 -5.67 -8.29
N SER A 86 -17.27 -6.81 -7.68
CA SER A 86 -17.55 -8.02 -8.44
C SER A 86 -18.76 -7.87 -9.38
N LYS A 87 -19.83 -7.28 -8.84
CA LYS A 87 -21.05 -7.00 -9.58
C LYS A 87 -20.79 -6.07 -10.77
N ILE A 88 -19.95 -5.07 -10.54
CA ILE A 88 -19.59 -4.11 -11.57
C ILE A 88 -18.77 -4.80 -12.66
N ALA A 89 -17.84 -5.65 -12.29
CA ALA A 89 -16.94 -6.23 -13.28
C ALA A 89 -17.49 -7.40 -14.09
N SER A 90 -18.42 -8.15 -13.51
CA SER A 90 -18.90 -9.38 -14.15
C SER A 90 -20.05 -9.16 -15.10
N LYS A 91 -20.47 -7.90 -15.17
CA LYS A 91 -21.71 -7.51 -15.80
C LYS A 91 -21.43 -6.46 -16.86
N THR A 92 -21.03 -6.94 -18.04
CA THR A 92 -20.69 -6.09 -19.20
C THR A 92 -21.45 -4.77 -19.47
N GLN A 93 -22.71 -4.60 -19.08
CA GLN A 93 -23.34 -3.28 -19.16
C GLN A 93 -22.64 -2.31 -18.20
N SER A 94 -22.59 -2.68 -16.92
CA SER A 94 -22.13 -1.74 -15.88
C SER A 94 -20.65 -1.56 -15.84
N ARG A 95 -19.94 -2.48 -16.44
CA ARG A 95 -18.50 -2.34 -16.61
C ARG A 95 -18.19 -1.17 -17.59
N ARG A 96 -18.65 -1.26 -18.82
CA ARG A 96 -18.52 -0.15 -19.76
C ARG A 96 -18.97 1.18 -19.10
N THR A 97 -20.05 1.15 -18.34
CA THR A 97 -20.50 2.39 -17.74
C THR A 97 -19.42 2.95 -16.83
N PHE A 98 -18.86 2.11 -15.95
CA PHE A 98 -17.81 2.51 -15.03
C PHE A 98 -16.65 3.03 -15.81
N ILE A 99 -16.13 2.17 -16.68
CA ILE A 99 -14.93 2.51 -17.45
C ILE A 99 -15.08 3.83 -18.12
N LYS A 100 -16.14 3.95 -18.87
CA LYS A 100 -16.42 5.15 -19.68
C LYS A 100 -16.39 6.45 -18.89
N SER A 101 -16.64 6.37 -17.59
CA SER A 101 -16.77 7.56 -16.76
C SER A 101 -15.48 7.95 -16.08
N VAL A 102 -14.48 7.08 -16.13
CA VAL A 102 -13.22 7.35 -15.48
C VAL A 102 -12.36 8.49 -16.08
N PRO A 103 -12.08 8.54 -17.38
CA PRO A 103 -11.35 9.70 -17.88
C PRO A 103 -11.99 11.07 -17.57
N PRO A 104 -13.23 11.37 -17.94
CA PRO A 104 -13.71 12.71 -17.63
C PRO A 104 -13.45 13.06 -16.16
N PHE A 105 -13.61 12.09 -15.26
CA PHE A 105 -13.47 12.40 -13.82
C PHE A 105 -12.02 12.80 -13.42
N LEU A 106 -11.09 11.91 -13.74
CA LEU A 106 -9.67 12.13 -13.59
C LEU A 106 -9.27 13.46 -14.22
N ARG A 107 -9.53 13.61 -15.51
CA ARG A 107 -9.24 14.88 -16.18
C ARG A 107 -9.78 16.11 -15.42
N THR A 108 -11.02 16.09 -14.95
CA THR A 108 -11.58 17.26 -14.26
C THR A 108 -10.79 17.66 -13.02
N HIS A 109 -10.38 16.67 -12.24
CA HIS A 109 -9.74 16.97 -10.96
C HIS A 109 -8.24 16.97 -11.06
N GLY A 110 -7.75 16.70 -12.26
CA GLY A 110 -6.34 16.80 -12.51
C GLY A 110 -5.49 15.66 -12.05
N PHE A 111 -6.02 14.44 -12.03
CA PHE A 111 -5.19 13.26 -11.79
C PHE A 111 -4.50 12.75 -13.07
N ASP A 112 -3.57 11.81 -12.96
CA ASP A 112 -2.84 11.35 -14.14
C ASP A 112 -3.12 9.89 -14.44
N GLY A 113 -3.94 9.27 -13.61
CA GLY A 113 -4.37 7.90 -13.86
C GLY A 113 -5.21 7.35 -12.72
N LEU A 114 -5.54 6.09 -12.84
CA LEU A 114 -6.40 5.44 -11.91
C LEU A 114 -5.66 4.24 -11.41
N ASP A 115 -5.81 3.96 -10.11
CA ASP A 115 -5.20 2.79 -9.49
C ASP A 115 -6.34 1.93 -8.96
N LEU A 116 -6.29 0.60 -9.18
CA LEU A 116 -7.39 -0.26 -8.81
C LEU A 116 -7.07 -1.11 -7.58
N ALA A 117 -7.64 -0.75 -6.45
CA ALA A 117 -7.48 -1.56 -5.24
C ALA A 117 -8.71 -2.44 -5.03
N TRP A 118 -8.84 -3.48 -5.84
CA TRP A 118 -9.93 -4.42 -5.72
C TRP A 118 -9.47 -5.34 -4.63
N LEU A 119 -9.95 -5.13 -3.41
CA LEU A 119 -9.35 -5.94 -2.37
C LEU A 119 -9.85 -7.38 -2.28
N TYR A 120 -9.11 -8.14 -3.09
CA TYR A 120 -9.16 -9.56 -3.22
C TYR A 120 -10.32 -9.93 -4.06
N PRO A 121 -9.96 -10.17 -5.31
CA PRO A 121 -10.78 -10.85 -6.31
C PRO A 121 -10.74 -12.28 -5.90
N GLY A 122 -11.84 -13.00 -6.11
CA GLY A 122 -11.93 -14.41 -5.78
C GLY A 122 -11.74 -15.31 -7.00
N ARG A 123 -11.90 -16.62 -6.81
CA ARG A 123 -11.75 -17.54 -7.93
C ARG A 123 -12.66 -17.21 -9.09
N ARG A 124 -13.93 -16.94 -8.83
CA ARG A 124 -14.83 -16.60 -9.93
C ARG A 124 -14.85 -15.11 -10.36
N ASP A 125 -13.69 -14.46 -10.30
CA ASP A 125 -13.50 -13.07 -10.70
C ASP A 125 -12.34 -12.86 -11.68
N LYS A 126 -11.46 -13.84 -11.77
CA LYS A 126 -10.26 -13.71 -12.56
C LYS A 126 -10.59 -13.25 -13.99
N ARG A 127 -11.39 -14.04 -14.69
CA ARG A 127 -11.84 -13.69 -16.03
C ARG A 127 -12.29 -12.21 -16.12
N HIS A 128 -12.85 -11.70 -15.04
CA HIS A 128 -13.45 -10.38 -15.12
C HIS A 128 -12.52 -9.26 -14.71
N LEU A 129 -11.66 -9.53 -13.73
CA LEU A 129 -10.61 -8.58 -13.38
C LEU A 129 -9.88 -8.40 -14.70
N THR A 130 -9.62 -9.50 -15.39
CA THR A 130 -8.91 -9.39 -16.65
C THR A 130 -9.70 -8.54 -17.59
N ALA A 131 -11.00 -8.76 -17.66
CA ALA A 131 -11.81 -7.96 -18.56
C ALA A 131 -11.77 -6.48 -18.21
N LEU A 132 -11.81 -6.16 -16.92
CA LEU A 132 -11.81 -4.76 -16.49
C LEU A 132 -10.49 -4.01 -16.73
N VAL A 133 -9.38 -4.72 -16.61
CA VAL A 133 -8.07 -4.11 -16.80
C VAL A 133 -7.86 -3.84 -18.27
N LYS A 134 -8.07 -4.89 -19.04
CA LYS A 134 -7.90 -4.89 -20.48
C LYS A 134 -8.71 -3.75 -21.09
N GLU A 135 -10.01 -3.78 -20.79
CA GLU A 135 -10.95 -2.78 -21.29
C GLU A 135 -10.66 -1.39 -20.74
N MET A 136 -10.33 -1.29 -19.45
CA MET A 136 -9.99 0.03 -18.91
C MET A 136 -8.81 0.57 -19.69
N LYS A 137 -7.75 -0.22 -19.85
CA LYS A 137 -6.59 0.28 -20.60
C LYS A 137 -6.97 0.72 -22.01
N ALA A 138 -7.69 -0.14 -22.73
CA ALA A 138 -8.06 0.18 -24.10
C ALA A 138 -8.72 1.53 -24.18
N GLU A 139 -9.52 1.86 -23.19
CA GLU A 139 -10.21 3.15 -23.17
C GLU A 139 -9.24 4.28 -22.92
N PHE A 140 -8.29 4.05 -22.06
CA PHE A 140 -7.27 5.04 -21.79
C PHE A 140 -6.54 5.38 -23.11
N ALA A 141 -6.15 4.37 -23.90
CA ALA A 141 -5.48 4.58 -25.20
C ALA A 141 -6.36 5.44 -26.13
N ARG A 142 -7.61 5.01 -26.35
CA ARG A 142 -8.59 5.76 -27.16
C ARG A 142 -8.69 7.20 -26.69
N GLU A 143 -8.74 7.43 -25.39
CA GLU A 143 -8.90 8.79 -24.92
C GLU A 143 -7.64 9.68 -25.05
N ALA A 144 -6.50 9.10 -25.40
CA ALA A 144 -5.29 9.95 -25.60
C ALA A 144 -5.21 10.64 -26.96
N GLN A 145 -6.04 10.17 -27.88
CA GLN A 145 -6.10 10.71 -29.20
C GLN A 145 -6.47 12.18 -29.10
N ALA A 146 -7.25 12.54 -28.10
CA ALA A 146 -7.60 13.94 -27.85
C ALA A 146 -6.37 14.81 -27.57
N GLY A 147 -5.18 14.21 -27.58
CA GLY A 147 -3.96 15.00 -27.65
C GLY A 147 -3.38 15.33 -26.30
N THR A 148 -4.05 14.81 -25.30
CA THR A 148 -3.56 14.97 -23.96
C THR A 148 -2.67 13.76 -23.63
N GLU A 149 -1.88 13.83 -22.56
CA GLU A 149 -1.00 12.72 -22.19
C GLU A 149 -1.83 11.50 -21.72
N ARG A 150 -1.44 10.28 -22.09
CA ARG A 150 -2.24 9.08 -21.74
C ARG A 150 -2.40 8.94 -20.26
N LEU A 151 -3.59 8.60 -19.78
CA LEU A 151 -3.76 8.37 -18.35
C LEU A 151 -3.06 7.06 -17.96
N LEU A 152 -2.53 6.94 -16.74
CA LEU A 152 -1.87 5.71 -16.30
C LEU A 152 -2.85 4.81 -15.59
N LEU A 153 -2.61 3.50 -15.62
CA LEU A 153 -3.51 2.55 -15.00
C LEU A 153 -2.71 1.56 -14.19
N SER A 154 -3.07 1.36 -12.92
CA SER A 154 -2.36 0.41 -12.10
C SER A 154 -3.29 -0.29 -11.16
N ALA A 155 -2.78 -1.29 -10.48
CA ALA A 155 -3.58 -2.08 -9.56
C ALA A 155 -2.77 -2.46 -8.33
N ALA A 156 -3.45 -2.65 -7.21
CA ALA A 156 -2.82 -3.11 -6.00
C ALA A 156 -3.16 -4.60 -5.89
N VAL A 157 -2.18 -5.46 -6.12
CA VAL A 157 -2.41 -6.88 -6.10
C VAL A 157 -2.00 -7.47 -4.73
N SER A 158 -2.57 -8.62 -4.36
CA SER A 158 -2.18 -9.29 -3.11
C SER A 158 -0.80 -9.90 -3.22
N ALA A 159 -0.30 -10.51 -2.14
CA ALA A 159 0.96 -11.20 -2.23
C ALA A 159 0.91 -12.52 -1.50
N GLY A 160 -0.29 -13.03 -1.26
CA GLY A 160 -0.43 -14.34 -0.69
C GLY A 160 -0.59 -15.31 -1.85
N LYS A 161 0.32 -16.27 -1.96
CA LYS A 161 0.22 -17.30 -2.99
C LYS A 161 -1.23 -17.71 -3.23
N ILE A 162 -1.93 -18.14 -2.20
CA ILE A 162 -3.31 -18.56 -2.40
C ILE A 162 -4.09 -17.42 -3.07
N ALA A 163 -3.99 -16.20 -2.53
CA ALA A 163 -4.68 -15.06 -3.14
C ALA A 163 -4.34 -14.87 -4.64
N ILE A 164 -3.04 -14.95 -4.96
CA ILE A 164 -2.56 -14.78 -6.35
C ILE A 164 -3.16 -15.84 -7.27
N ASP A 165 -3.20 -17.09 -6.77
CA ASP A 165 -3.63 -18.27 -7.53
C ASP A 165 -5.13 -18.26 -7.76
N ARG A 166 -5.87 -17.79 -6.76
CA ARG A 166 -7.32 -17.72 -6.80
C ARG A 166 -7.89 -16.66 -7.75
N GLY A 167 -7.48 -15.39 -7.56
CA GLY A 167 -8.13 -14.28 -8.23
C GLY A 167 -7.48 -13.54 -9.38
N TYR A 168 -6.19 -13.74 -9.64
CA TYR A 168 -5.49 -12.93 -10.63
C TYR A 168 -4.83 -13.65 -11.84
N ASP A 169 -5.09 -13.16 -13.04
CA ASP A 169 -4.34 -13.61 -14.22
C ASP A 169 -3.09 -12.70 -14.39
N ILE A 170 -2.07 -12.92 -13.56
CA ILE A 170 -0.88 -12.07 -13.62
C ILE A 170 -0.32 -11.89 -15.02
N ALA A 171 -0.18 -12.96 -15.77
CA ALA A 171 0.37 -12.84 -17.11
C ALA A 171 -0.39 -11.82 -17.97
N GLN A 172 -1.71 -11.94 -17.97
CA GLN A 172 -2.55 -11.11 -18.81
C GLN A 172 -2.65 -9.70 -18.27
N ILE A 173 -2.72 -9.50 -16.96
CA ILE A 173 -2.87 -8.12 -16.52
C ILE A 173 -1.58 -7.33 -16.49
N SER A 174 -0.40 -7.95 -16.61
CA SER A 174 0.85 -7.15 -16.60
C SER A 174 1.04 -6.53 -17.95
N ARG A 175 0.55 -7.22 -18.96
CA ARG A 175 0.59 -6.70 -20.32
C ARG A 175 -0.26 -5.39 -20.48
N HIS A 176 -1.28 -5.19 -19.65
CA HIS A 176 -2.09 -3.99 -19.76
C HIS A 176 -1.88 -2.84 -18.76
N LEU A 177 -1.16 -3.11 -17.67
CA LEU A 177 -1.00 -2.16 -16.59
C LEU A 177 0.33 -1.40 -16.63
N ASP A 178 0.34 -0.15 -16.17
CA ASP A 178 1.56 0.64 -16.13
C ASP A 178 2.46 0.18 -14.97
N PHE A 179 1.89 -0.33 -13.87
CA PHE A 179 2.67 -0.94 -12.74
C PHE A 179 1.82 -1.67 -11.72
N ILE A 180 2.33 -2.80 -11.20
CA ILE A 180 1.65 -3.64 -10.20
C ILE A 180 2.30 -3.33 -8.86
N SER A 181 1.51 -2.96 -7.85
CA SER A 181 2.03 -2.71 -6.53
C SER A 181 1.74 -3.95 -5.74
N LEU A 182 2.76 -4.72 -5.40
CA LEU A 182 2.62 -5.95 -4.61
C LEU A 182 2.45 -5.57 -3.15
N LEU A 183 1.34 -5.98 -2.53
CA LEU A 183 1.11 -5.67 -1.12
C LEU A 183 1.88 -6.59 -0.18
N THR A 184 3.20 -6.46 -0.20
CA THR A 184 4.05 -7.35 0.58
C THR A 184 4.11 -6.94 2.05
N TYR A 185 2.91 -6.74 2.66
CA TYR A 185 2.79 -6.31 4.06
C TYR A 185 1.65 -7.04 4.81
N ASP A 186 0.80 -7.79 4.13
CA ASP A 186 -0.31 -8.41 4.88
C ASP A 186 -0.10 -9.89 5.08
N PHE A 187 1.02 -10.27 5.66
CA PHE A 187 1.34 -11.70 5.75
C PHE A 187 0.69 -12.37 6.95
N HIS A 188 1.36 -12.38 8.11
CA HIS A 188 0.76 -12.87 9.35
C HIS A 188 -0.61 -12.20 9.46
N GLY A 189 -1.61 -12.88 8.88
CA GLY A 189 -2.86 -12.24 8.50
C GLY A 189 -3.88 -11.83 9.55
N ALA A 190 -5.15 -11.98 9.17
CA ALA A 190 -6.27 -11.65 10.04
C ALA A 190 -6.28 -12.51 11.33
N TRP A 191 -6.09 -13.82 11.15
CA TRP A 191 -6.37 -14.85 12.18
C TRP A 191 -5.35 -15.08 13.31
N ARG A 192 -4.40 -16.00 13.03
CA ARG A 192 -3.48 -16.62 14.01
C ARG A 192 -3.41 -16.10 15.44
N GLN A 193 -3.74 -16.99 16.38
CA GLN A 193 -3.57 -16.70 17.80
C GLN A 193 -2.11 -16.97 18.22
N THR A 194 -1.18 -16.74 17.30
CA THR A 194 0.23 -16.68 17.64
C THR A 194 0.79 -15.33 17.19
N VAL A 195 1.82 -14.84 17.86
CA VAL A 195 2.58 -13.64 17.43
C VAL A 195 3.36 -13.92 16.12
N GLY A 196 3.52 -12.90 15.28
CA GLY A 196 4.33 -13.06 14.08
C GLY A 196 4.47 -11.76 13.31
N HIS A 197 5.31 -11.72 12.29
CA HIS A 197 5.58 -10.45 11.62
C HIS A 197 4.83 -10.32 10.32
N HIS A 198 4.11 -9.21 10.17
CA HIS A 198 3.30 -9.00 8.98
C HIS A 198 4.06 -8.71 7.72
N SER A 199 5.33 -8.27 7.82
CA SER A 199 6.10 -7.93 6.61
C SER A 199 7.52 -8.48 6.57
N PRO A 200 7.67 -9.78 6.71
CA PRO A 200 9.03 -10.30 6.84
C PRO A 200 9.65 -10.19 5.49
N LEU A 201 10.94 -9.94 5.41
CA LEU A 201 11.57 -9.82 4.10
C LEU A 201 11.85 -11.19 3.60
N PHE A 202 12.40 -12.01 4.50
CA PHE A 202 12.87 -13.34 4.16
C PHE A 202 12.14 -14.46 4.86
N ARG A 203 12.42 -15.66 4.40
CA ARG A 203 11.86 -16.92 4.90
C ARG A 203 11.95 -17.15 6.41
N GLY A 204 13.15 -17.15 6.96
CA GLY A 204 13.30 -17.37 8.38
C GLY A 204 13.41 -18.82 8.82
N ASN A 205 14.57 -19.16 9.39
CA ASN A 205 14.90 -20.50 9.88
C ASN A 205 13.99 -21.03 10.99
N SER A 206 13.35 -20.12 11.70
CA SER A 206 12.35 -20.51 12.70
C SER A 206 10.93 -20.61 12.07
N ASP A 207 10.88 -20.96 10.79
CA ASP A 207 9.64 -20.95 10.04
C ASP A 207 9.66 -21.99 8.90
N ALA A 208 9.49 -23.27 9.25
CA ALA A 208 9.51 -24.37 8.29
C ALA A 208 8.27 -24.44 7.38
N SER A 209 7.11 -24.02 7.91
CA SER A 209 5.81 -24.10 7.21
C SER A 209 4.83 -22.96 7.47
N SER A 210 5.03 -22.11 6.53
CA SER A 210 4.36 -20.91 6.19
C SER A 210 5.01 -20.53 4.79
N ARG A 211 6.38 -20.40 4.70
CA ARG A 211 7.30 -20.06 3.51
C ARG A 211 6.76 -19.35 2.27
N PHE A 212 5.45 -19.26 2.14
CA PHE A 212 4.89 -18.49 1.05
C PHE A 212 4.64 -17.08 1.51
N SER A 213 4.98 -16.82 2.77
CA SER A 213 4.57 -15.62 3.47
C SER A 213 5.65 -14.63 3.85
N ASN A 214 6.37 -14.16 2.85
CA ASN A 214 7.37 -13.10 3.02
C ASN A 214 7.56 -12.41 1.68
N ALA A 215 8.09 -11.20 1.67
CA ALA A 215 8.22 -10.46 0.41
C ALA A 215 9.07 -11.20 -0.66
N ASP A 216 10.12 -11.86 -0.23
CA ASP A 216 11.00 -12.52 -1.15
C ASP A 216 10.27 -13.59 -1.92
N TYR A 217 9.36 -14.32 -1.27
CA TYR A 217 8.61 -15.35 -2.00
C TYR A 217 7.61 -14.71 -2.93
N ALA A 218 6.86 -13.74 -2.44
CA ALA A 218 5.80 -13.15 -3.25
C ALA A 218 6.41 -12.61 -4.52
N VAL A 219 7.58 -11.98 -4.39
CA VAL A 219 8.24 -11.38 -5.55
C VAL A 219 8.72 -12.46 -6.51
N SER A 220 9.51 -13.41 -6.02
CA SER A 220 10.00 -14.45 -6.90
C SER A 220 8.86 -15.16 -7.58
N TYR A 221 7.70 -15.16 -6.94
CA TYR A 221 6.53 -15.86 -7.47
C TYR A 221 5.93 -15.08 -8.63
N MET A 222 5.72 -13.78 -8.43
CA MET A 222 5.15 -12.95 -9.45
C MET A 222 6.07 -12.98 -10.64
N LEU A 223 7.37 -12.96 -10.41
CA LEU A 223 8.30 -12.99 -11.53
C LEU A 223 8.07 -14.28 -12.27
N ARG A 224 7.87 -15.37 -11.54
CA ARG A 224 7.70 -16.63 -12.23
C ARG A 224 6.37 -16.76 -12.96
N LEU A 225 5.32 -16.09 -12.49
CA LEU A 225 4.02 -16.14 -13.16
C LEU A 225 3.89 -15.31 -14.45
N GLY A 226 4.82 -14.40 -14.75
CA GLY A 226 4.72 -13.57 -15.95
C GLY A 226 4.86 -12.02 -15.87
N ALA A 227 4.86 -11.48 -14.67
CA ALA A 227 5.00 -10.04 -14.48
C ALA A 227 6.44 -9.67 -14.78
N PRO A 228 6.72 -8.67 -15.61
CA PRO A 228 8.12 -8.29 -15.78
C PRO A 228 8.63 -7.47 -14.61
N ALA A 229 9.90 -7.65 -14.31
CA ALA A 229 10.52 -6.94 -13.23
C ALA A 229 10.23 -5.45 -13.31
N ASN A 230 10.22 -4.87 -14.51
CA ASN A 230 10.02 -3.41 -14.59
C ASN A 230 8.58 -2.92 -14.51
N LYS A 231 7.70 -3.75 -13.95
CA LYS A 231 6.33 -3.32 -13.62
C LYS A 231 6.02 -3.63 -12.16
N LEU A 232 6.89 -4.37 -11.51
CA LEU A 232 6.64 -4.73 -10.15
C LEU A 232 7.05 -3.63 -9.17
N VAL A 233 6.15 -3.26 -8.28
CA VAL A 233 6.49 -2.32 -7.23
C VAL A 233 6.22 -2.98 -5.86
N MET A 234 7.21 -2.95 -4.97
CA MET A 234 7.11 -3.68 -3.71
C MET A 234 6.64 -2.88 -2.51
N GLY A 235 5.54 -3.30 -1.90
CA GLY A 235 4.97 -2.55 -0.78
C GLY A 235 5.85 -2.55 0.43
N ILE A 236 6.11 -1.38 0.98
CA ILE A 236 6.86 -1.25 2.20
C ILE A 236 5.87 -0.62 3.18
N PRO A 237 5.62 -1.21 4.32
CA PRO A 237 4.65 -0.61 5.20
C PRO A 237 5.34 0.42 6.03
N THR A 238 4.58 1.42 6.42
CA THR A 238 5.11 2.47 7.22
C THR A 238 4.35 2.47 8.54
N PHE A 239 3.62 1.37 8.78
CA PHE A 239 2.89 1.16 10.03
C PHE A 239 3.29 -0.14 10.68
N GLY A 240 2.73 -0.45 11.85
CA GLY A 240 3.13 -1.64 12.57
C GLY A 240 1.91 -2.37 13.03
N ARG A 241 2.02 -3.66 13.19
CA ARG A 241 0.86 -4.36 13.63
C ARG A 241 1.12 -4.78 15.05
N SER A 242 0.12 -4.64 15.92
CA SER A 242 0.32 -4.93 17.34
C SER A 242 -0.50 -6.10 17.89
N PHE A 243 -0.04 -6.66 18.99
CA PHE A 243 -0.78 -7.74 19.64
C PHE A 243 -0.82 -7.56 21.16
N THR A 244 -1.95 -7.91 21.77
CA THR A 244 -2.05 -7.99 23.22
C THR A 244 -1.68 -9.43 23.61
N LEU A 245 -0.59 -9.59 24.34
CA LEU A 245 -0.05 -10.92 24.66
C LEU A 245 -0.95 -11.67 25.59
N ALA A 246 -0.63 -12.93 25.87
CA ALA A 246 -1.40 -13.67 26.89
C ALA A 246 -0.50 -14.46 27.88
N SER A 247 0.73 -13.97 28.07
CA SER A 247 1.71 -14.62 28.95
C SER A 247 3.00 -13.82 28.90
N SER A 248 3.91 -14.08 29.84
CA SER A 248 5.22 -13.43 29.78
C SER A 248 6.01 -13.94 28.59
N LYS A 249 5.49 -14.93 27.88
CA LYS A 249 6.21 -15.40 26.69
C LYS A 249 6.10 -14.36 25.59
N THR A 250 7.24 -13.70 25.39
CA THR A 250 7.36 -12.55 24.52
C THR A 250 8.01 -12.90 23.17
N ASP A 251 8.66 -14.07 23.14
CA ASP A 251 9.55 -14.48 22.06
C ASP A 251 8.87 -15.10 20.85
N VAL A 252 9.69 -15.57 19.90
CA VAL A 252 9.21 -16.20 18.66
C VAL A 252 8.00 -17.08 18.92
N GLY A 253 6.93 -16.88 18.13
CA GLY A 253 5.68 -17.63 18.25
C GLY A 253 4.96 -17.83 19.59
N ALA A 254 4.99 -16.83 20.48
CA ALA A 254 4.25 -16.87 21.75
C ALA A 254 2.72 -16.65 21.56
N PRO A 255 1.88 -17.09 22.50
CA PRO A 255 0.42 -16.94 22.30
C PRO A 255 -0.14 -15.53 22.49
N ILE A 256 -1.34 -15.30 22.01
CA ILE A 256 -1.91 -13.98 22.00
C ILE A 256 -3.39 -13.99 22.36
N SER A 257 -3.89 -12.88 22.90
CA SER A 257 -5.29 -12.79 23.27
C SER A 257 -6.12 -11.99 22.28
N GLY A 258 -5.45 -11.21 21.44
CA GLY A 258 -6.18 -10.36 20.50
C GLY A 258 -5.30 -9.20 20.07
N PRO A 259 -5.88 -8.23 19.36
CA PRO A 259 -5.04 -7.18 18.78
C PRO A 259 -4.56 -6.18 19.84
N GLY A 260 -3.39 -5.56 19.66
CA GLY A 260 -2.96 -4.52 20.58
C GLY A 260 -3.97 -3.39 20.81
N ILE A 261 -3.76 -2.59 21.85
CA ILE A 261 -4.65 -1.44 22.12
C ILE A 261 -4.40 -0.33 21.10
N PRO A 262 -5.40 0.52 20.89
CA PRO A 262 -5.35 1.56 19.87
C PRO A 262 -4.28 2.63 20.13
N GLY A 263 -3.85 3.30 19.06
CA GLY A 263 -2.90 4.40 19.16
C GLY A 263 -3.59 5.62 19.72
N ARG A 264 -2.86 6.53 20.37
CA ARG A 264 -3.50 7.73 20.87
C ARG A 264 -4.07 8.54 19.71
N PHE A 265 -3.48 8.46 18.52
CA PHE A 265 -3.96 9.26 17.40
C PHE A 265 -4.62 8.42 16.30
N THR A 266 -4.09 7.24 16.08
CA THR A 266 -4.52 6.46 14.98
C THR A 266 -5.88 5.81 15.28
N LYS A 267 -6.19 5.66 16.57
CA LYS A 267 -7.44 5.08 17.10
C LYS A 267 -7.98 3.93 16.28
N GLU A 268 -7.45 2.74 16.48
CA GLU A 268 -7.85 1.56 15.68
C GLU A 268 -7.06 0.31 16.11
N LYS A 269 -7.77 -0.62 16.73
CA LYS A 269 -7.20 -1.83 17.31
C LYS A 269 -6.37 -2.63 16.30
N GLY A 270 -5.14 -2.95 16.65
CA GLY A 270 -4.29 -3.70 15.74
C GLY A 270 -3.24 -2.92 14.96
N ILE A 271 -3.60 -1.73 14.50
CA ILE A 271 -2.64 -0.87 13.81
C ILE A 271 -1.99 0.17 14.75
N LEU A 272 -0.71 0.49 14.48
CA LEU A 272 0.01 1.59 15.11
C LEU A 272 0.69 2.33 13.99
N ALA A 273 0.63 3.64 14.01
CA ALA A 273 1.33 4.39 12.99
C ALA A 273 2.83 4.43 13.36
N TYR A 274 3.73 4.60 12.39
CA TYR A 274 5.16 4.63 12.75
C TYR A 274 5.46 5.75 13.72
N TYR A 275 4.68 6.84 13.66
CA TYR A 275 4.96 7.94 14.57
C TYR A 275 4.60 7.60 15.99
N GLU A 276 3.58 6.76 16.16
CA GLU A 276 3.18 6.31 17.48
C GLU A 276 4.20 5.24 17.96
N ILE A 277 4.71 4.46 17.02
CA ILE A 277 5.69 3.43 17.34
C ILE A 277 6.94 4.09 17.89
N CYS A 278 7.26 5.27 17.36
CA CYS A 278 8.40 6.00 17.87
C CYS A 278 8.21 6.34 19.33
N ASP A 279 6.98 6.67 19.68
CA ASP A 279 6.66 7.02 21.04
C ASP A 279 6.55 5.75 21.91
N PHE A 280 6.01 4.68 21.35
CA PHE A 280 5.92 3.41 22.06
C PHE A 280 7.30 2.91 22.45
N LEU A 281 8.29 3.24 21.64
CA LEU A 281 9.61 2.66 21.77
C LEU A 281 10.30 2.97 23.09
N HIS A 282 10.19 4.22 23.54
CA HIS A 282 10.77 4.63 24.82
C HIS A 282 10.24 3.73 25.96
N GLY A 283 11.14 2.92 26.53
CA GLY A 283 10.77 2.03 27.63
C GLY A 283 10.29 0.67 27.18
N ALA A 284 10.44 0.41 25.87
CA ALA A 284 10.17 -0.90 25.33
C ALA A 284 11.51 -1.59 25.08
N THR A 285 11.47 -2.91 24.98
CA THR A 285 12.63 -3.70 24.65
C THR A 285 12.57 -3.95 23.16
N THR A 286 13.62 -3.66 22.41
CA THR A 286 13.56 -4.00 21.00
C THR A 286 14.27 -5.31 20.74
N HIS A 287 13.84 -6.01 19.71
CA HIS A 287 14.47 -7.25 19.27
C HIS A 287 14.37 -7.25 17.78
N ARG A 288 14.97 -8.23 17.12
CA ARG A 288 15.00 -8.23 15.66
C ARG A 288 15.12 -9.60 15.10
N PHE A 289 14.14 -10.09 14.35
CA PHE A 289 14.31 -11.35 13.63
C PHE A 289 15.47 -11.15 12.66
N ARG A 290 16.54 -11.91 12.76
CA ARG A 290 17.69 -11.68 11.88
C ARG A 290 17.50 -12.43 10.59
N ASP A 291 17.03 -13.67 10.75
CA ASP A 291 16.45 -14.45 9.67
C ASP A 291 15.68 -13.58 8.68
N GLN A 292 14.51 -13.09 9.09
CA GLN A 292 13.63 -12.27 8.26
C GLN A 292 14.01 -10.80 8.18
N GLN A 293 14.93 -10.39 9.04
CA GLN A 293 15.44 -9.03 9.13
C GLN A 293 14.41 -7.94 9.19
N VAL A 294 13.59 -7.99 10.23
CA VAL A 294 12.61 -6.99 10.54
C VAL A 294 12.51 -6.98 12.07
N PRO A 295 12.25 -5.85 12.70
CA PRO A 295 12.16 -5.76 14.17
C PRO A 295 10.77 -5.92 14.78
N TYR A 296 10.72 -6.29 16.06
CA TYR A 296 9.50 -6.21 16.87
C TYR A 296 9.80 -5.53 18.23
N ALA A 297 8.80 -5.04 18.94
CA ALA A 297 9.05 -4.52 20.26
C ALA A 297 8.00 -5.02 21.24
N THR A 298 8.27 -4.80 22.53
CA THR A 298 7.37 -5.16 23.64
C THR A 298 7.56 -4.26 24.82
N LYS A 299 6.46 -4.03 25.52
CA LYS A 299 6.44 -3.16 26.68
C LYS A 299 5.21 -3.70 27.37
N GLY A 300 5.28 -4.01 28.67
CA GLY A 300 4.12 -4.61 29.33
C GLY A 300 3.59 -5.80 28.56
N ASN A 301 2.30 -5.78 28.21
CA ASN A 301 1.71 -6.87 27.46
C ASN A 301 1.39 -6.50 26.03
N GLN A 302 2.17 -5.60 25.44
CA GLN A 302 2.00 -5.24 24.03
C GLN A 302 3.21 -5.68 23.23
N TRP A 303 2.98 -6.41 22.13
CA TRP A 303 4.05 -6.82 21.22
C TRP A 303 3.79 -6.15 19.88
N VAL A 304 4.73 -5.33 19.42
CA VAL A 304 4.54 -4.60 18.18
C VAL A 304 5.52 -5.00 17.12
N ALA A 305 5.00 -5.51 16.00
CA ALA A 305 5.78 -5.84 14.81
C ALA A 305 5.80 -4.64 13.89
N TYR A 306 6.96 -4.04 13.63
CA TYR A 306 7.01 -2.82 12.82
C TYR A 306 8.20 -2.73 11.87
N ASP A 307 8.28 -1.66 11.07
CA ASP A 307 9.48 -1.34 10.24
C ASP A 307 10.17 -0.03 10.62
N ASP A 308 11.49 -0.10 10.77
CA ASP A 308 12.26 1.11 11.03
C ASP A 308 13.21 1.40 9.88
N GLN A 309 13.96 2.50 9.98
CA GLN A 309 14.80 2.96 8.90
C GLN A 309 15.67 1.87 8.32
N GLU A 310 16.29 1.10 9.20
CA GLU A 310 17.21 0.06 8.81
C GLU A 310 16.57 -1.03 7.96
N SER A 311 15.36 -1.47 8.32
CA SER A 311 14.75 -2.56 7.56
C SER A 311 14.23 -2.08 6.24
N VAL A 312 13.64 -0.90 6.26
CA VAL A 312 13.18 -0.27 5.04
C VAL A 312 14.32 -0.05 4.00
N LYS A 313 15.55 0.21 4.48
CA LYS A 313 16.68 0.42 3.58
C LYS A 313 16.97 -0.92 2.96
N ASN A 314 16.81 -1.90 3.82
CA ASN A 314 17.12 -3.26 3.47
C ASN A 314 16.23 -3.82 2.36
N LYS A 315 14.93 -3.74 2.59
CA LYS A 315 13.92 -4.09 1.60
C LYS A 315 14.24 -3.31 0.33
N ALA A 316 14.57 -2.02 0.47
CA ALA A 316 14.86 -1.19 -0.69
C ALA A 316 16.08 -1.70 -1.47
N ARG A 317 17.08 -2.24 -0.77
CA ARG A 317 18.22 -2.81 -1.48
C ARG A 317 17.79 -4.09 -2.21
N TYR A 318 16.93 -4.87 -1.53
CA TYR A 318 16.45 -6.12 -2.07
C TYR A 318 15.84 -5.82 -3.42
N LEU A 319 14.88 -4.93 -3.42
CA LEU A 319 14.18 -4.57 -4.64
C LEU A 319 15.08 -4.19 -5.82
N LYS A 320 16.20 -3.53 -5.55
CA LYS A 320 17.08 -3.06 -6.64
C LYS A 320 17.92 -4.20 -7.19
N ASN A 321 18.28 -5.11 -6.29
CA ASN A 321 19.02 -6.30 -6.67
C ASN A 321 18.22 -7.25 -7.50
N ARG A 322 16.92 -7.30 -7.27
CA ARG A 322 16.06 -8.13 -8.10
C ARG A 322 15.65 -7.36 -9.33
N GLN A 323 15.96 -6.06 -9.32
CA GLN A 323 15.63 -5.15 -10.45
C GLN A 323 14.16 -4.83 -10.66
N LEU A 324 13.42 -4.64 -9.58
CA LEU A 324 12.03 -4.28 -9.71
C LEU A 324 11.93 -2.81 -10.16
N ALA A 325 10.72 -2.33 -10.43
CA ALA A 325 10.62 -0.96 -10.89
C ALA A 325 10.73 0.08 -9.79
N GLY A 326 10.48 -0.32 -8.53
CA GLY A 326 10.56 0.63 -7.43
C GLY A 326 9.75 0.22 -6.20
N ALA A 327 9.58 1.15 -5.25
CA ALA A 327 8.93 0.83 -4.01
C ALA A 327 7.61 1.50 -3.92
N MET A 328 6.70 0.93 -3.14
CA MET A 328 5.41 1.50 -2.85
C MET A 328 5.34 1.59 -1.37
N VAL A 329 4.84 2.70 -0.87
CA VAL A 329 4.82 2.94 0.56
C VAL A 329 3.40 3.19 1.02
N TRP A 330 2.90 2.32 1.91
CA TRP A 330 1.55 2.51 2.45
C TRP A 330 1.52 3.45 3.62
N ALA A 331 1.06 4.63 3.24
CA ALA A 331 0.63 5.75 4.04
C ALA A 331 1.69 6.74 4.39
N LEU A 332 1.80 7.77 3.55
CA LEU A 332 2.61 8.93 3.87
C LEU A 332 2.08 9.53 5.17
N ASP A 333 0.81 9.24 5.51
CA ASP A 333 0.20 9.86 6.67
C ASP A 333 0.47 9.03 7.89
N LEU A 334 1.01 7.85 7.64
CA LEU A 334 1.32 6.94 8.73
C LEU A 334 2.79 7.06 9.17
N ASP A 335 3.58 7.67 8.31
CA ASP A 335 4.97 7.94 8.58
C ASP A 335 5.03 9.18 9.44
N ASP A 336 6.21 9.54 9.93
CA ASP A 336 6.33 10.78 10.70
C ASP A 336 6.37 11.96 9.75
N PHE A 337 5.19 12.38 9.32
CA PHE A 337 5.11 13.38 8.26
C PHE A 337 5.45 14.74 8.79
N ARG A 338 5.19 14.98 10.07
CA ARG A 338 5.57 16.26 10.65
C ARG A 338 7.06 16.31 10.95
N GLY A 339 7.64 15.14 11.21
CA GLY A 339 9.03 15.06 11.61
C GLY A 339 9.34 15.39 13.07
N THR A 340 8.33 15.40 13.93
CA THR A 340 8.56 15.73 15.33
C THR A 340 8.21 14.66 16.34
N PHE A 341 8.00 13.42 15.92
CA PHE A 341 7.75 12.36 16.89
C PHE A 341 8.96 11.45 17.09
N CYS A 342 9.67 11.10 16.01
CA CYS A 342 10.78 10.14 16.11
C CYS A 342 12.10 10.84 16.31
N GLY A 343 12.64 10.74 17.52
CA GLY A 343 13.88 11.40 17.85
C GLY A 343 14.32 12.36 16.74
N GLN A 344 15.23 11.86 15.89
CA GLN A 344 15.90 12.63 14.84
C GLN A 344 15.08 13.64 14.07
N ASN A 345 15.76 14.42 13.24
CA ASN A 345 15.10 15.59 12.68
C ASN A 345 14.49 15.56 11.30
N LEU A 346 14.63 14.46 10.58
CA LEU A 346 13.99 14.30 9.28
C LEU A 346 12.45 14.42 9.35
N THR A 347 11.87 14.97 8.29
CA THR A 347 10.45 14.85 7.99
C THR A 347 10.26 13.54 7.14
N PHE A 348 9.20 12.77 7.37
CA PHE A 348 9.00 11.46 6.68
C PHE A 348 10.24 10.59 6.77
N PRO A 349 10.64 10.16 7.94
CA PRO A 349 11.84 9.32 8.00
C PRO A 349 11.74 8.07 7.16
N LEU A 350 10.78 7.18 7.36
CA LEU A 350 10.76 5.93 6.60
C LEU A 350 10.80 6.14 5.10
N THR A 351 9.93 7.01 4.59
CA THR A 351 9.86 7.18 3.14
C THR A 351 11.19 7.70 2.61
N SER A 352 11.83 8.59 3.37
CA SER A 352 13.16 9.10 3.02
C SER A 352 14.23 8.04 2.81
N ALA A 353 14.21 7.05 3.69
CA ALA A 353 15.16 6.00 3.67
C ALA A 353 15.01 5.25 2.33
N VAL A 354 13.80 4.87 2.00
CA VAL A 354 13.60 4.18 0.74
C VAL A 354 14.11 5.10 -0.38
N LYS A 355 13.81 6.39 -0.30
CA LYS A 355 14.24 7.30 -1.37
C LYS A 355 15.74 7.36 -1.52
N ASP A 356 16.43 7.35 -0.37
CA ASP A 356 17.85 7.53 -0.34
C ASP A 356 18.48 6.32 -0.99
N VAL A 357 18.00 5.13 -0.64
CA VAL A 357 18.57 3.92 -1.21
C VAL A 357 18.21 3.81 -2.67
N LEU A 358 17.05 4.31 -3.05
CA LEU A 358 16.61 4.18 -4.44
C LEU A 358 17.38 5.15 -5.29
N ALA A 359 17.90 6.18 -4.63
CA ALA A 359 18.61 7.20 -5.38
C ALA A 359 20.08 6.88 -5.50
N ARG A 360 20.55 5.80 -4.90
CA ARG A 360 21.98 5.62 -4.85
C ARG A 360 22.72 4.79 -5.92
N VAL A 361 22.02 3.95 -6.69
CA VAL A 361 22.61 3.19 -7.81
C VAL A 361 22.05 1.78 -8.01
C1 NAG B . -7.08 -0.34 6.72
C2 NAG B . -6.73 1.02 7.29
C3 NAG B . -7.99 1.54 7.97
C4 NAG B . -9.08 1.81 6.91
C5 NAG B . -9.08 0.76 5.76
C6 NAG B . -9.24 1.45 4.40
C7 NAG B . -4.76 2.08 8.24
C8 NAG B . -4.78 2.85 9.53
N2 NAG B . -5.56 1.01 8.17
O3 NAG B . -7.64 2.69 8.73
O4 NAG B . -10.43 1.93 7.43
O5 NAG B . -7.96 -0.13 5.63
O6 NAG B . -10.59 1.62 4.07
O7 NAG B . -4.03 2.45 7.31
C1 NAG B . -10.71 3.25 8.02
C2 NAG B . -12.00 3.94 7.51
C3 NAG B . -12.49 5.13 8.38
C4 NAG B . -11.89 5.29 9.80
C5 NAG B . -10.55 4.56 9.95
C6 NAG B . -10.01 4.57 11.39
C7 NAG B . -12.73 4.98 5.33
C8 NAG B . -12.82 4.48 3.92
N2 NAG B . -11.83 4.36 6.11
O3 NAG B . -13.91 5.02 8.48
O4 NAG B . -11.74 6.66 10.19
O5 NAG B . -10.72 3.25 9.44
O6 NAG B . -10.35 3.42 12.13
O7 NAG B . -13.44 5.93 5.69
C1 NAG B . -12.96 7.17 10.80
C2 NAG B . -12.82 7.47 12.32
C3 NAG B . -13.61 8.66 12.87
C4 NAG B . -14.46 9.48 11.87
C5 NAG B . -14.77 8.64 10.62
C6 NAG B . -15.63 9.31 9.54
C7 NAG B . -12.40 5.75 14.07
C8 NAG B . -13.09 4.99 15.17
N2 NAG B . -13.18 6.29 13.11
O3 NAG B . -12.70 9.51 13.55
O4 NAG B . -15.63 9.96 12.53
O5 NAG B . -13.52 8.26 10.08
O6 NAG B . -16.41 8.37 8.83
O7 NAG B . -11.17 5.84 14.07
C1 NAG B . -15.71 11.42 12.52
C2 NAG B . -17.07 11.83 11.94
C3 NAG B . -18.11 12.29 12.97
C4 NAG B . -17.62 11.99 14.38
C5 NAG B . -16.29 12.73 14.53
C6 NAG B . -15.82 12.86 15.98
C7 NAG B . -16.02 12.63 9.90
C8 NAG B . -16.56 12.71 8.50
N2 NAG B . -16.89 12.82 10.90
O3 NAG B . -19.35 11.66 12.71
O4 NAG B . -18.56 12.38 15.37
O5 NAG B . -15.30 12.06 13.74
O6 NAG B . -15.37 11.62 16.46
O7 NAG B . -14.82 12.41 10.09
C1 NAG C . -20.51 4.87 -2.10
C2 NAG C . -21.06 5.74 -0.94
C3 NAG C . -22.33 5.20 -0.25
C4 NAG C . -23.31 4.49 -1.19
C5 NAG C . -22.66 3.85 -2.43
C6 NAG C . -23.66 3.74 -3.56
C7 NAG C . -19.78 7.05 0.60
C8 NAG C . -19.21 7.08 2.01
N2 NAG C . -20.09 5.85 0.13
O3 NAG C . -23.02 6.23 0.42
O4 NAG C . -24.06 3.56 -0.38
O5 NAG C . -21.56 4.56 -3.00
O6 NAG C . -23.14 2.81 -4.48
O7 NAG C . -19.97 8.08 -0.06
C1 NAG C . -25.41 4.03 -0.25
C2 NAG C . -26.36 2.84 -0.18
C3 NAG C . -27.84 3.26 -0.24
C4 NAG C . -28.13 4.76 -0.48
C5 NAG C . -27.07 5.50 -1.30
C6 NAG C . -26.98 6.97 -0.90
C7 NAG C . -25.17 0.92 -1.13
C8 NAG C . -25.58 -0.38 -0.49
N2 NAG C . -26.10 1.88 -1.24
O3 NAG C . -28.48 2.85 0.96
O4 NAG C . -29.34 4.89 -1.22
O5 NAG C . -25.79 4.86 -1.34
O6 NAG C . -27.81 7.23 0.22
O7 NAG C . -24.02 1.06 -1.55
C1 MAN C . -30.33 5.78 -0.64
C2 MAN C . -31.08 5.06 0.50
C3 MAN C . -32.51 4.59 0.14
C4 MAN C . -33.26 5.65 -0.66
C5 MAN C . -32.47 6.13 -1.89
C6 MAN C . -33.11 7.40 -2.44
O2 MAN C . -31.07 5.81 1.71
O3 MAN C . -33.24 4.21 1.31
O4 MAN C . -34.51 5.13 -1.06
O5 MAN C . -31.10 6.42 -1.66
O6 MAN C . -33.89 7.06 -3.57
#